data_2ZOE
#
_entry.id   2ZOE
#
_cell.length_a   177.076
_cell.length_b   177.076
_cell.length_c   81.042
_cell.angle_alpha   90.00
_cell.angle_beta   90.00
_cell.angle_gamma   120.00
#
_symmetry.space_group_name_H-M   'P 63'
#
loop_
_entity.id
_entity.type
_entity.pdbx_description
1 polymer 'Hemagglutinin components HA3'
2 polymer 'Hemagglutinin components HA3'
3 non-polymer 'N-acetyl-beta-neuraminic acid'
4 water water
#
loop_
_entity_poly.entity_id
_entity_poly.type
_entity_poly.pdbx_seq_one_letter_code
_entity_poly.pdbx_strand_id
1 'polypeptide(L)'
;ISEFDYKDHEIDYKDDDDKWIMSLSIKELYYTKDKSINNVNLADGNYVVNRGDGWILSRQNQNLGGNISNNGCTAIVGDL
RIRETATPYYYPTASFNEEYIKNNVQNVFANFTEASEIPIGFEFSKTAPSNKSLY(MSE)YLQYTYIRYEIIKVLQNTVT
ERAVLYVPSLGYVKSIEFNSEEQIDKNFYFTSQDKCILNEKFIYKKIDD
;
A
2 'polypeptide(L)'
;QTILPYPNGLYVINKGDGY(MSE)RTNDKDLIGTLLIESSTSGSIIQPRLRNTTRPLFNTSNPTIFSQEYTEARLNDAFN
IQLFNTSTTLFKFVEEAPTNKNIS(MSE)KVYNTYEKYELINYQNGNIDDKAEYYLPSLGKCEVSDAPSPQAPVVETPVD
QDGFIQTGPNENIIVGVINPSENIEEISTPIPDDYTYNIPTSIQNNACYVLFKVNTTGVYKITTKNNLPPLIIYEAIGSS
NRN(MSE)NSNNLSNDNIKAIKYITGLNRSDAKSYLIVSLFKDKNYYIRIPQISSSTTSQLIFKRELGNISDLADSTVNI
LDNLNTSGTHYYTRQSPDVGNYISYQLTIPGDFNNIASSIFSFRTRNNQGIGTLYRLTESINGYNLITINNYSDLLNNVE
PISLLNGATYIFRVKVTELNNYNIIFDAYRNS
;
B
#
# COMPACT_ATOMS: atom_id res chain seq x y z
N ASN A 38 3.62 -24.60 6.25
CA ASN A 38 5.02 -24.72 5.78
C ASN A 38 5.54 -26.16 5.79
N ASN A 39 4.76 -27.07 6.38
CA ASN A 39 5.10 -28.49 6.43
C ASN A 39 4.92 -29.14 5.06
N VAL A 40 5.85 -30.01 4.68
CA VAL A 40 5.79 -30.71 3.39
C VAL A 40 6.18 -32.18 3.53
N ASN A 41 5.22 -33.08 3.26
CA ASN A 41 5.41 -34.51 3.44
C ASN A 41 6.13 -35.19 2.26
N LEU A 42 7.43 -34.94 2.13
CA LEU A 42 8.27 -35.65 1.15
C LEU A 42 9.74 -35.69 1.57
N ALA A 43 10.51 -36.57 0.93
CA ALA A 43 11.89 -36.88 1.35
C ALA A 43 12.85 -35.71 1.31
N ASP A 44 14.04 -35.91 1.90
CA ASP A 44 15.09 -34.88 1.92
C ASP A 44 15.66 -34.66 0.52
N GLY A 45 15.93 -33.39 0.19
CA GLY A 45 16.53 -33.04 -1.08
C GLY A 45 15.93 -31.80 -1.72
N ASN A 46 16.33 -31.53 -2.96
CA ASN A 46 15.84 -30.39 -3.73
C ASN A 46 14.72 -30.80 -4.69
N TYR A 47 13.74 -29.92 -4.86
CA TYR A 47 12.60 -30.20 -5.73
C TYR A 47 12.25 -29.00 -6.60
N VAL A 48 11.76 -29.29 -7.82
CA VAL A 48 11.09 -28.28 -8.64
C VAL A 48 9.60 -28.57 -8.55
N VAL A 49 8.80 -27.53 -8.35
CA VAL A 49 7.37 -27.69 -8.13
C VAL A 49 6.52 -26.67 -8.89
N ASN A 50 5.47 -27.17 -9.53
CA ASN A 50 4.47 -26.37 -10.21
C ASN A 50 3.37 -26.03 -9.21
N ARG A 51 3.24 -24.75 -8.88
CA ARG A 51 2.23 -24.30 -7.93
C ARG A 51 0.90 -23.94 -8.59
N GLY A 52 0.84 -24.03 -9.91
CA GLY A 52 -0.40 -23.88 -10.65
C GLY A 52 -0.48 -22.60 -11.46
N ASP A 53 -1.54 -22.50 -12.25
CA ASP A 53 -1.82 -21.34 -13.09
C ASP A 53 -2.74 -20.42 -12.30
N GLY A 54 -2.92 -19.19 -12.77
CA GLY A 54 -3.90 -18.28 -12.18
C GLY A 54 -3.41 -17.42 -11.04
N TRP A 55 -2.09 -17.33 -10.86
CA TRP A 55 -1.53 -16.45 -9.85
C TRP A 55 -1.53 -14.99 -10.34
N ILE A 56 -1.90 -14.08 -9.44
CA ILE A 56 -1.84 -12.64 -9.72
C ILE A 56 -0.88 -12.01 -8.71
N LEU A 57 -0.21 -10.93 -9.10
CA LEU A 57 0.86 -10.35 -8.29
C LEU A 57 0.41 -9.09 -7.54
N SER A 58 1.02 -8.87 -6.38
CA SER A 58 0.64 -7.77 -5.51
C SER A 58 0.93 -6.41 -6.15
N ARG A 59 0.08 -5.41 -5.96
CA ARG A 59 0.34 -4.01 -6.38
C ARG A 59 0.37 -3.73 -7.86
N GLN A 60 0.06 -4.73 -8.70
CA GLN A 60 0.03 -4.41 -10.12
C GLN A 60 -1.35 -4.62 -10.76
N ASN A 61 -2.39 -4.60 -9.93
CA ASN A 61 -3.79 -4.81 -10.34
C ASN A 61 -4.21 -4.01 -11.57
N GLN A 62 -3.91 -2.72 -11.57
CA GLN A 62 -4.45 -1.81 -12.57
C GLN A 62 -3.40 -1.30 -13.56
N ASN A 63 -2.23 -1.94 -13.57
CA ASN A 63 -1.14 -1.53 -14.46
C ASN A 63 -1.54 -1.49 -15.95
N LEU A 64 -2.44 -2.38 -16.35
CA LEU A 64 -2.86 -2.45 -17.76
C LEU A 64 -4.02 -1.52 -18.08
N GLY A 65 -4.63 -0.95 -17.06
CA GLY A 65 -5.74 -0.03 -17.25
C GLY A 65 -7.09 -0.71 -17.16
N GLY A 66 -8.14 0.09 -17.27
CA GLY A 66 -9.49 -0.42 -17.16
C GLY A 66 -10.42 0.24 -18.16
N ASN A 67 -11.65 -0.24 -18.16
CA ASN A 67 -12.59 0.00 -19.22
C ASN A 67 -13.95 0.35 -18.64
N ILE A 68 -14.59 1.37 -19.19
CA ILE A 68 -15.85 1.88 -18.68
C ILE A 68 -16.92 1.82 -19.76
N SER A 69 -18.08 1.26 -19.42
CA SER A 69 -19.20 1.20 -20.36
C SER A 69 -20.53 1.41 -19.64
N ASN A 70 -21.60 1.55 -20.41
CA ASN A 70 -22.93 1.69 -19.83
C ASN A 70 -24.08 1.27 -20.75
N ASN A 71 -25.27 1.18 -20.17
CA ASN A 71 -26.53 1.11 -20.92
C ASN A 71 -26.57 0.04 -22.00
N GLY A 72 -26.29 -1.20 -21.61
CA GLY A 72 -26.38 -2.34 -22.53
C GLY A 72 -25.25 -2.47 -23.55
N CYS A 73 -24.16 -1.74 -23.35
CA CYS A 73 -23.01 -1.86 -24.24
C CYS A 73 -22.20 -3.09 -23.86
N THR A 74 -21.71 -3.82 -24.86
CA THR A 74 -20.78 -4.91 -24.61
C THR A 74 -19.35 -4.36 -24.66
N ALA A 75 -18.64 -4.49 -23.55
CA ALA A 75 -17.25 -4.04 -23.44
C ALA A 75 -16.33 -5.24 -23.54
N ILE A 76 -15.27 -5.10 -24.33
CA ILE A 76 -14.29 -6.16 -24.53
C ILE A 76 -12.90 -5.63 -24.22
N VAL A 77 -12.12 -6.40 -23.47
CA VAL A 77 -10.71 -6.12 -23.28
C VAL A 77 -9.88 -7.38 -23.52
N GLY A 78 -8.69 -7.18 -24.05
CA GLY A 78 -7.82 -8.30 -24.36
C GLY A 78 -6.37 -7.90 -24.47
N ASP A 79 -5.55 -8.83 -24.96
CA ASP A 79 -4.12 -8.62 -25.10
C ASP A 79 -3.53 -9.75 -25.91
N LEU A 80 -2.67 -9.41 -26.86
CA LEU A 80 -1.89 -10.39 -27.59
C LEU A 80 -0.50 -10.37 -26.94
N ARG A 81 -0.30 -11.21 -25.93
CA ARG A 81 0.96 -11.23 -25.21
C ARG A 81 2.12 -11.70 -26.11
N ILE A 82 3.17 -10.90 -26.15
CA ILE A 82 4.39 -11.24 -26.85
C ILE A 82 5.56 -11.04 -25.88
N ARG A 83 6.77 -11.25 -26.35
CA ARG A 83 7.94 -11.26 -25.47
C ARG A 83 8.25 -9.90 -24.85
N GLU A 84 7.96 -8.82 -25.55
CA GLU A 84 8.30 -7.47 -25.06
C GLU A 84 7.41 -6.97 -23.91
N THR A 85 6.20 -7.54 -23.77
CA THR A 85 5.30 -7.16 -22.67
C THR A 85 4.98 -8.32 -21.71
N ALA A 86 5.56 -9.49 -21.95
CA ALA A 86 5.35 -10.65 -21.09
C ALA A 86 6.65 -11.05 -20.40
N THR A 87 6.94 -10.41 -19.28
CA THR A 87 8.21 -10.58 -18.56
C THR A 87 8.07 -11.57 -17.39
N PRO A 88 8.93 -12.60 -17.33
CA PRO A 88 8.94 -13.47 -16.15
C PRO A 88 9.58 -12.81 -14.92
N TYR A 89 9.09 -13.16 -13.74
CA TYR A 89 9.63 -12.65 -12.49
C TYR A 89 10.37 -13.76 -11.74
N TYR A 90 11.69 -13.59 -11.60
CA TYR A 90 12.51 -14.50 -10.81
C TYR A 90 12.77 -13.89 -9.44
N TYR A 91 12.51 -14.68 -8.41
CA TYR A 91 12.88 -14.35 -7.04
C TYR A 91 13.81 -15.46 -6.56
N PRO A 92 15.10 -15.35 -6.92
CA PRO A 92 16.05 -16.44 -6.67
C PRO A 92 16.60 -16.44 -5.24
N THR A 93 17.42 -17.45 -4.94
CA THR A 93 17.98 -17.64 -3.62
C THR A 93 19.44 -18.05 -3.72
N ALA A 94 20.13 -18.05 -2.59
CA ALA A 94 21.57 -18.35 -2.53
C ALA A 94 21.94 -19.56 -3.39
N SER A 95 21.33 -20.71 -3.10
CA SER A 95 21.66 -21.96 -3.80
C SER A 95 20.94 -22.12 -5.16
N PHE A 96 19.83 -21.43 -5.35
CA PHE A 96 19.08 -21.53 -6.61
C PHE A 96 19.05 -20.18 -7.36
N ASN A 97 19.94 -20.02 -8.33
CA ASN A 97 19.97 -18.82 -9.17
C ASN A 97 19.01 -18.91 -10.36
N GLU A 98 18.88 -17.83 -11.11
CA GLU A 98 17.88 -17.75 -12.18
C GLU A 98 18.02 -18.83 -13.23
N GLU A 99 19.24 -19.03 -13.72
CA GLU A 99 19.49 -20.07 -14.72
C GLU A 99 19.15 -21.47 -14.19
N TYR A 100 19.35 -21.67 -12.89
CA TYR A 100 19.02 -22.93 -12.23
C TYR A 100 17.51 -23.12 -12.13
N ILE A 101 16.79 -22.04 -11.83
CA ILE A 101 15.33 -22.07 -11.81
C ILE A 101 14.79 -22.37 -13.20
N LYS A 102 15.28 -21.62 -14.19
CA LYS A 102 14.84 -21.73 -15.57
C LYS A 102 14.99 -23.16 -16.11
N ASN A 103 16.22 -23.66 -16.09
CA ASN A 103 16.53 -24.96 -16.69
C ASN A 103 15.73 -26.12 -16.10
N ASN A 104 15.54 -26.09 -14.78
CA ASN A 104 14.82 -27.17 -14.10
C ASN A 104 13.32 -27.11 -14.30
N VAL A 105 12.78 -25.89 -14.37
CA VAL A 105 11.36 -25.69 -14.69
C VAL A 105 11.07 -26.08 -16.14
N GLN A 106 11.91 -25.64 -17.07
CA GLN A 106 11.67 -25.89 -18.49
C GLN A 106 11.94 -27.33 -18.92
N ASN A 107 12.67 -28.07 -18.10
CA ASN A 107 12.93 -29.47 -18.37
C ASN A 107 11.75 -30.36 -17.98
N VAL A 108 11.12 -30.03 -16.86
CA VAL A 108 10.01 -30.82 -16.34
C VAL A 108 8.66 -30.28 -16.83
N PHE A 109 8.48 -28.96 -16.74
CA PHE A 109 7.22 -28.31 -17.11
C PHE A 109 7.36 -27.59 -18.46
N ALA A 110 6.45 -26.67 -18.76
CA ALA A 110 6.41 -26.04 -20.07
C ALA A 110 7.63 -25.16 -20.34
N ASN A 111 8.18 -25.27 -21.54
CA ASN A 111 9.26 -24.39 -21.96
C ASN A 111 8.68 -23.02 -22.33
N PHE A 112 8.72 -22.11 -21.36
CA PHE A 112 8.09 -20.79 -21.52
C PHE A 112 8.90 -19.85 -22.41
N THR A 113 10.18 -20.14 -22.59
CA THR A 113 11.04 -19.35 -23.47
C THR A 113 10.69 -19.62 -24.92
N GLU A 114 10.54 -20.90 -25.27
CA GLU A 114 10.12 -21.29 -26.61
C GLU A 114 8.69 -20.84 -26.91
N ALA A 115 7.82 -20.91 -25.90
CA ALA A 115 6.42 -20.51 -26.06
C ALA A 115 6.25 -19.00 -26.25
N SER A 116 7.16 -18.22 -25.65
CA SER A 116 7.10 -16.75 -25.68
C SER A 116 7.30 -16.16 -27.07
N GLU A 117 7.90 -16.92 -27.97
CA GLU A 117 8.16 -16.46 -29.33
C GLU A 117 6.90 -16.43 -30.21
N ILE A 118 5.82 -17.03 -29.73
CA ILE A 118 4.59 -17.17 -30.51
C ILE A 118 3.43 -16.39 -29.88
N PRO A 119 2.99 -15.31 -30.55
CA PRO A 119 1.91 -14.50 -29.99
C PRO A 119 0.62 -15.28 -29.76
N ILE A 120 -0.02 -15.02 -28.63
CA ILE A 120 -1.27 -15.66 -28.27
C ILE A 120 -2.19 -14.63 -27.64
N GLY A 121 -3.46 -14.66 -28.03
CA GLY A 121 -4.43 -13.69 -27.58
C GLY A 121 -5.40 -14.25 -26.57
N PHE A 122 -5.86 -13.40 -25.67
CA PHE A 122 -6.99 -13.72 -24.82
C PHE A 122 -7.81 -12.46 -24.67
N GLU A 123 -9.11 -12.64 -24.53
CA GLU A 123 -9.97 -11.51 -24.22
C GLU A 123 -11.19 -11.87 -23.42
N PHE A 124 -11.73 -10.87 -22.72
CA PHE A 124 -12.91 -11.01 -21.90
C PHE A 124 -13.94 -10.02 -22.37
N SER A 125 -15.21 -10.38 -22.27
CA SER A 125 -16.27 -9.43 -22.56
C SER A 125 -17.39 -9.52 -21.54
N LYS A 126 -18.05 -8.38 -21.33
CA LYS A 126 -19.19 -8.26 -20.44
C LYS A 126 -20.11 -7.16 -20.95
N THR A 127 -21.41 -7.40 -20.86
CA THR A 127 -22.40 -6.43 -21.27
C THR A 127 -22.75 -5.57 -20.07
N ALA A 128 -22.63 -4.26 -20.23
CA ALA A 128 -23.00 -3.32 -19.19
C ALA A 128 -24.51 -3.41 -18.97
N PRO A 129 -24.96 -3.27 -17.73
CA PRO A 129 -26.38 -3.33 -17.44
C PRO A 129 -27.12 -2.08 -17.96
N SER A 130 -28.43 -2.19 -18.04
CA SER A 130 -29.25 -1.07 -18.48
C SER A 130 -29.28 0.00 -17.38
N ASN A 131 -29.06 1.25 -17.78
CA ASN A 131 -29.14 2.40 -16.87
C ASN A 131 -28.10 2.40 -15.73
N LYS A 132 -27.03 1.63 -15.89
CA LYS A 132 -25.94 1.63 -14.91
C LYS A 132 -24.60 1.54 -15.65
N SER A 133 -23.51 1.89 -14.95
CA SER A 133 -22.17 1.87 -15.55
C SER A 133 -21.37 0.67 -15.08
N LEU A 134 -20.50 0.17 -15.96
CA LEU A 134 -19.67 -0.98 -15.69
C LEU A 134 -18.20 -0.60 -15.77
N TYR A 135 -17.45 -0.93 -14.72
CA TYR A 135 -15.99 -0.79 -14.76
C TYR A 135 -15.35 -2.18 -14.78
N TYR A 137 -11.36 -4.02 -15.21
CA TYR A 137 -9.89 -3.88 -15.33
C TYR A 137 -9.17 -5.20 -15.48
N LEU A 138 -8.05 -5.14 -16.19
CA LEU A 138 -7.30 -6.33 -16.61
C LEU A 138 -5.95 -6.41 -15.91
N GLN A 139 -5.54 -7.63 -15.59
CA GLN A 139 -4.20 -7.90 -15.08
C GLN A 139 -3.70 -9.26 -15.57
N TYR A 140 -2.38 -9.38 -15.70
CA TYR A 140 -1.78 -10.63 -16.15
C TYR A 140 -1.92 -11.69 -15.07
N THR A 141 -2.10 -12.94 -15.49
CA THR A 141 -2.03 -14.07 -14.58
C THR A 141 -0.71 -14.77 -14.84
N TYR A 142 -0.32 -15.66 -13.92
CA TYR A 142 0.98 -16.32 -13.98
C TYR A 142 0.92 -17.75 -13.51
N ILE A 143 1.82 -18.58 -14.05
CA ILE A 143 2.13 -19.87 -13.44
C ILE A 143 3.18 -19.58 -12.37
N ARG A 144 2.96 -20.06 -11.16
CA ARG A 144 3.95 -19.94 -10.09
C ARG A 144 4.75 -21.25 -10.03
N TYR A 145 6.06 -21.12 -10.09
CA TYR A 145 6.96 -22.25 -9.91
C TYR A 145 7.84 -21.97 -8.70
N GLU A 146 8.16 -23.04 -7.97
CA GLU A 146 9.08 -22.96 -6.85
C GLU A 146 10.17 -23.99 -7.01
N ILE A 147 11.35 -23.68 -6.49
CA ILE A 147 12.39 -24.67 -6.29
C ILE A 147 12.70 -24.66 -4.81
N ILE A 148 12.41 -25.78 -4.13
CA ILE A 148 12.49 -25.86 -2.68
C ILE A 148 13.55 -26.87 -2.21
N LYS A 149 14.26 -26.51 -1.13
CA LYS A 149 15.12 -27.42 -0.40
C LYS A 149 14.36 -27.84 0.85
N VAL A 150 14.45 -29.12 1.21
CA VAL A 150 13.70 -29.65 2.35
C VAL A 150 14.52 -30.56 3.26
N LEU A 151 14.32 -30.41 4.57
CA LEU A 151 14.85 -31.35 5.56
C LEU A 151 13.67 -32.14 6.15
N GLN A 152 12.80 -32.85 5.43
CA GLN A 152 11.88 -33.90 6.11
C GLN A 152 10.81 -33.57 7.20
N ASN A 153 10.73 -32.29 7.45
CA ASN A 153 9.69 -31.57 8.19
C ASN A 153 9.17 -30.30 7.51
N THR A 154 10.05 -29.54 6.89
CA THR A 154 9.69 -28.22 6.37
C THR A 154 10.57 -27.79 5.19
N VAL A 155 10.13 -26.76 4.48
CA VAL A 155 10.91 -26.17 3.40
C VAL A 155 11.98 -25.25 3.99
N THR A 156 13.25 -25.62 3.77
CA THR A 156 14.39 -24.85 4.28
C THR A 156 14.68 -23.64 3.40
N GLU A 157 14.62 -23.85 2.09
CA GLU A 157 14.91 -22.80 1.11
C GLU A 157 13.83 -22.80 0.04
N ARG A 158 13.66 -21.67 -0.63
CA ARG A 158 12.64 -21.52 -1.67
C ARG A 158 12.94 -20.38 -2.63
N ALA A 159 13.12 -20.72 -3.91
CA ALA A 159 13.17 -19.72 -4.98
C ALA A 159 11.81 -19.75 -5.69
N VAL A 160 11.40 -18.61 -6.24
CA VAL A 160 10.11 -18.50 -6.90
C VAL A 160 10.26 -17.95 -8.32
N LEU A 161 9.51 -18.54 -9.26
CA LEU A 161 9.40 -18.02 -10.62
C LEU A 161 7.93 -17.84 -10.98
N TYR A 162 7.59 -16.65 -11.48
CA TYR A 162 6.27 -16.40 -12.07
C TYR A 162 6.41 -16.27 -13.57
N VAL A 163 5.79 -17.19 -14.30
CA VAL A 163 5.79 -17.16 -15.76
C VAL A 163 4.46 -16.58 -16.25
N PRO A 164 4.51 -15.56 -17.11
CA PRO A 164 3.27 -15.00 -17.66
C PRO A 164 2.43 -16.09 -18.34
N SER A 165 1.16 -16.16 -17.97
CA SER A 165 0.25 -17.16 -18.51
C SER A 165 -0.78 -16.46 -19.40
N LEU A 166 -1.79 -15.88 -18.77
CA LEU A 166 -2.88 -15.24 -19.48
C LEU A 166 -3.31 -14.06 -18.65
N GLY A 167 -4.61 -13.83 -18.58
CA GLY A 167 -5.08 -12.65 -17.87
C GLY A 167 -6.38 -12.89 -17.14
N TYR A 168 -6.78 -11.89 -16.37
CA TYR A 168 -7.94 -11.98 -15.51
C TYR A 168 -8.55 -10.58 -15.38
N VAL A 169 -9.87 -10.51 -15.52
CA VAL A 169 -10.59 -9.26 -15.35
C VAL A 169 -11.45 -9.31 -14.10
N LYS A 170 -11.40 -8.21 -13.34
CA LYS A 170 -12.41 -7.95 -12.31
C LYS A 170 -13.30 -6.85 -12.86
N SER A 171 -14.59 -6.95 -12.56
CA SER A 171 -15.54 -5.92 -12.95
C SER A 171 -16.38 -5.47 -11.77
N ILE A 172 -16.94 -4.28 -11.88
CA ILE A 172 -17.83 -3.74 -10.86
C ILE A 172 -18.81 -2.76 -11.51
N GLU A 173 -20.06 -2.78 -11.05
CA GLU A 173 -21.03 -1.77 -11.43
C GLU A 173 -20.86 -0.56 -10.52
N PHE A 174 -21.03 0.64 -11.07
CA PHE A 174 -20.82 1.85 -10.29
C PHE A 174 -21.64 3.03 -10.77
N ASN A 175 -21.68 4.04 -9.92
CA ASN A 175 -22.09 5.39 -10.29
C ASN A 175 -21.13 6.37 -9.63
N SER A 176 -21.23 7.65 -10.01
CA SER A 176 -20.26 8.66 -9.55
C SER A 176 -20.23 8.86 -8.04
N GLU A 177 -21.36 8.61 -7.37
CA GLU A 177 -21.51 8.85 -5.94
C GLU A 177 -21.10 7.66 -5.07
N GLU A 178 -20.93 6.49 -5.68
CA GLU A 178 -20.71 5.25 -4.95
C GLU A 178 -19.25 5.08 -4.52
N GLN A 179 -19.03 4.90 -3.22
CA GLN A 179 -17.72 4.50 -2.73
C GLN A 179 -17.60 2.99 -2.81
N ILE A 180 -16.41 2.47 -3.11
CA ILE A 180 -16.25 1.02 -3.20
C ILE A 180 -14.99 0.53 -2.49
N ASP A 181 -15.06 -0.73 -2.04
CA ASP A 181 -13.97 -1.40 -1.34
C ASP A 181 -12.60 -1.16 -1.94
N LYS A 182 -11.66 -0.81 -1.07
CA LYS A 182 -10.25 -0.70 -1.40
C LYS A 182 -9.72 -1.99 -2.03
N ASN A 183 -10.10 -3.13 -1.47
CA ASN A 183 -9.53 -4.41 -1.90
C ASN A 183 -9.94 -4.86 -3.30
N PHE A 184 -10.95 -4.20 -3.87
CA PHE A 184 -11.33 -4.44 -5.26
C PHE A 184 -10.24 -3.97 -6.23
N TYR A 185 -9.60 -2.85 -5.92
CA TYR A 185 -8.59 -2.25 -6.80
C TYR A 185 -7.17 -2.76 -6.55
N PHE A 186 -6.95 -3.43 -5.42
CA PHE A 186 -5.60 -3.59 -4.89
C PHE A 186 -5.40 -4.92 -4.18
N THR A 187 -4.40 -5.66 -4.62
CA THR A 187 -4.00 -6.92 -4.03
C THR A 187 -2.68 -6.69 -3.32
N SER A 188 -2.64 -6.89 -2.02
CA SER A 188 -1.43 -6.59 -1.26
C SER A 188 -0.47 -7.78 -1.21
N GLN A 189 -0.99 -8.99 -1.37
CA GLN A 189 -0.16 -10.20 -1.35
C GLN A 189 -0.48 -11.07 -2.56
N ASP A 190 0.55 -11.69 -3.13
CA ASP A 190 0.37 -12.59 -4.28
C ASP A 190 -0.63 -13.66 -3.92
N LYS A 191 -1.56 -13.93 -4.82
CA LYS A 191 -2.52 -15.02 -4.59
C LYS A 191 -2.90 -15.70 -5.89
N CYS A 192 -3.62 -16.81 -5.76
CA CYS A 192 -4.07 -17.60 -6.91
C CYS A 192 -5.58 -17.54 -6.99
N ILE A 193 -6.09 -17.12 -8.16
CA ILE A 193 -7.53 -17.03 -8.37
C ILE A 193 -8.16 -18.40 -8.67
N LEU A 194 -7.32 -19.39 -8.97
CA LEU A 194 -7.75 -20.79 -9.08
C LEU A 194 -7.33 -21.52 -7.81
N ASN A 195 -7.56 -22.83 -7.78
CA ASN A 195 -7.02 -23.66 -6.69
C ASN A 195 -5.50 -23.80 -6.85
N GLU A 196 -4.77 -23.68 -5.75
CA GLU A 196 -3.33 -23.84 -5.79
C GLU A 196 -2.97 -25.29 -5.99
N LYS A 197 -1.81 -25.53 -6.61
CA LYS A 197 -1.34 -26.89 -6.88
C LYS A 197 0.03 -27.11 -6.26
N PHE A 198 0.43 -28.37 -6.13
CA PHE A 198 1.75 -28.72 -5.65
C PHE A 198 2.24 -29.97 -6.38
N ILE A 199 2.63 -29.79 -7.63
CA ILE A 199 3.10 -30.89 -8.47
C ILE A 199 4.62 -30.86 -8.50
N TYR A 200 5.25 -31.93 -7.99
CA TYR A 200 6.69 -31.91 -7.72
C TYR A 200 7.52 -32.94 -8.50
N LYS A 201 8.77 -32.57 -8.76
CA LYS A 201 9.79 -33.46 -9.31
C LYS A 201 11.08 -33.22 -8.53
N LYS A 202 11.79 -34.31 -8.24
CA LYS A 202 13.03 -34.27 -7.48
C LYS A 202 14.18 -33.99 -8.45
N ILE A 203 14.97 -32.94 -8.19
CA ILE A 203 16.10 -32.61 -9.06
C ILE A 203 17.32 -33.45 -8.66
N ASP A 204 17.94 -34.10 -9.66
CA ASP A 204 19.04 -35.05 -9.43
C ASP A 204 18.63 -36.21 -8.51
N ASP A 205 17.34 -36.57 -8.56
CA ASP A 205 16.74 -37.63 -7.74
C ASP A 205 17.56 -38.10 -6.53
N GLN B 1 -8.78 18.94 -0.33
CA GLN B 1 -8.05 19.41 0.88
C GLN B 1 -8.42 18.54 2.11
N THR B 2 -8.12 17.25 2.00
CA THR B 2 -8.36 16.29 3.08
C THR B 2 -7.09 16.13 3.92
N ILE B 3 -7.27 15.72 5.17
CA ILE B 3 -6.14 15.43 6.05
C ILE B 3 -5.53 14.09 5.65
N LEU B 4 -4.23 14.09 5.35
CA LEU B 4 -3.48 12.86 5.07
C LEU B 4 -2.76 12.41 6.35
N PRO B 5 -3.25 11.34 6.99
CA PRO B 5 -2.71 10.96 8.29
C PRO B 5 -1.46 10.10 8.13
N TYR B 6 -0.43 10.66 7.50
CA TYR B 6 0.79 9.93 7.19
C TYR B 6 2.01 10.76 7.57
N PRO B 7 3.15 10.09 7.82
CA PRO B 7 4.36 10.84 8.10
C PRO B 7 4.94 11.49 6.84
N ASN B 8 6.00 12.26 7.03
CA ASN B 8 6.72 12.85 5.91
C ASN B 8 7.20 11.79 4.93
N GLY B 9 7.30 12.15 3.66
CA GLY B 9 7.91 11.28 2.66
C GLY B 9 7.23 11.33 1.31
N LEU B 10 7.49 10.29 0.51
CA LEU B 10 6.96 10.18 -0.83
C LEU B 10 5.78 9.23 -0.86
N TYR B 11 4.73 9.63 -1.57
CA TYR B 11 3.54 8.80 -1.75
C TYR B 11 3.08 8.87 -3.19
N VAL B 12 2.71 7.70 -3.72
CA VAL B 12 2.08 7.60 -5.02
C VAL B 12 0.64 7.22 -4.77
N ILE B 13 -0.28 8.10 -5.20
CA ILE B 13 -1.69 7.86 -5.02
C ILE B 13 -2.32 7.60 -6.37
N ASN B 14 -2.93 6.42 -6.52
CA ASN B 14 -3.80 6.15 -7.66
C ASN B 14 -5.15 6.80 -7.36
N LYS B 15 -5.47 7.86 -8.10
CA LYS B 15 -6.70 8.60 -7.89
C LYS B 15 -7.83 8.15 -8.84
N GLY B 16 -7.63 7.01 -9.50
CA GLY B 16 -8.71 6.32 -10.22
C GLY B 16 -8.57 6.27 -11.73
N ASP B 17 -9.46 5.50 -12.35
CA ASP B 17 -9.48 5.33 -13.80
C ASP B 17 -10.58 6.20 -14.41
N GLY B 18 -10.61 6.28 -15.73
CA GLY B 18 -11.67 6.98 -16.44
C GLY B 18 -11.49 8.48 -16.52
N TYR B 19 -10.26 8.95 -16.29
CA TYR B 19 -9.96 10.37 -16.46
C TYR B 19 -9.83 10.69 -17.93
N ARG B 21 -9.60 14.43 -20.75
CA ARG B 21 -9.54 15.87 -20.87
C ARG B 21 -10.88 16.43 -21.31
N THR B 22 -11.11 17.70 -21.00
CA THR B 22 -12.36 18.37 -21.32
C THR B 22 -12.40 18.74 -22.82
N ASN B 23 -13.56 19.17 -23.28
CA ASN B 23 -13.76 19.64 -24.66
C ASN B 23 -13.50 18.56 -25.71
N ASP B 24 -13.90 17.33 -25.39
CA ASP B 24 -13.76 16.19 -26.31
C ASP B 24 -12.34 16.05 -26.86
N LYS B 25 -11.36 16.37 -26.02
CA LYS B 25 -9.95 16.28 -26.39
C LYS B 25 -9.50 14.82 -26.51
N ASP B 26 -10.24 13.90 -25.88
CA ASP B 26 -9.93 12.47 -25.93
C ASP B 26 -11.01 11.65 -26.65
N LEU B 27 -11.89 12.33 -27.39
CA LEU B 27 -12.92 11.66 -28.18
C LEU B 27 -12.30 10.93 -29.36
N ILE B 28 -12.51 9.62 -29.43
CA ILE B 28 -12.12 8.83 -30.59
C ILE B 28 -13.12 9.13 -31.72
N GLY B 29 -14.41 9.05 -31.39
CA GLY B 29 -15.48 9.38 -32.33
C GLY B 29 -16.84 8.86 -31.88
N THR B 30 -17.85 9.15 -32.69
CA THR B 30 -19.23 8.75 -32.41
C THR B 30 -19.80 7.94 -33.57
N LEU B 31 -20.43 6.81 -33.26
CA LEU B 31 -21.19 6.06 -34.26
C LEU B 31 -22.68 6.29 -34.06
N LEU B 32 -23.39 6.58 -35.16
CA LEU B 32 -24.84 6.53 -35.16
C LEU B 32 -25.22 5.12 -35.60
N ILE B 33 -25.81 4.35 -34.69
CA ILE B 33 -26.19 2.98 -34.95
C ILE B 33 -27.70 2.93 -35.17
N GLU B 34 -28.10 2.69 -36.41
CA GLU B 34 -29.52 2.62 -36.78
C GLU B 34 -30.17 1.39 -36.15
N SER B 35 -31.48 1.45 -35.98
CA SER B 35 -32.24 0.31 -35.43
C SER B 35 -31.93 -0.98 -36.18
N SER B 36 -31.83 -2.08 -35.43
CA SER B 36 -31.53 -3.40 -35.96
C SER B 36 -30.17 -3.46 -36.66
N THR B 37 -29.19 -2.75 -36.10
CA THR B 37 -27.83 -2.73 -36.60
C THR B 37 -26.91 -2.78 -35.39
N SER B 38 -25.73 -3.37 -35.57
CA SER B 38 -24.69 -3.34 -34.55
C SER B 38 -23.60 -2.37 -35.00
N GLY B 39 -23.01 -1.70 -34.03
CA GLY B 39 -21.90 -0.80 -34.28
C GLY B 39 -20.79 -1.15 -33.32
N SER B 40 -19.57 -0.89 -33.74
CA SER B 40 -18.40 -1.25 -32.97
C SER B 40 -17.27 -0.28 -33.19
N ILE B 41 -16.55 0.03 -32.12
CA ILE B 41 -15.34 0.84 -32.18
C ILE B 41 -14.21 0.05 -31.53
N ILE B 42 -13.10 -0.08 -32.26
CA ILE B 42 -12.00 -0.94 -31.83
C ILE B 42 -10.69 -0.16 -31.67
N GLN B 43 -9.97 -0.44 -30.59
CA GLN B 43 -8.56 -0.08 -30.46
C GLN B 43 -7.76 -1.38 -30.57
N PRO B 44 -7.30 -1.72 -31.79
CA PRO B 44 -6.70 -3.02 -32.04
C PRO B 44 -5.19 -3.13 -31.79
N ARG B 45 -4.58 -2.08 -31.27
CA ARG B 45 -3.11 -2.01 -31.11
C ARG B 45 -2.34 -2.45 -32.34
N LEU B 46 -2.62 -1.83 -33.49
CA LEU B 46 -1.80 -2.05 -34.68
C LEU B 46 -0.49 -1.27 -34.55
N ARG B 47 -0.50 -0.22 -33.74
CA ARG B 47 0.72 0.39 -33.21
C ARG B 47 0.65 0.27 -31.69
N ASN B 48 1.79 0.01 -31.07
CA ASN B 48 1.87 -0.19 -29.64
C ASN B 48 2.05 1.11 -28.84
N THR B 49 2.40 2.20 -29.53
CA THR B 49 2.69 3.49 -28.89
C THR B 49 1.46 4.13 -28.26
N THR B 50 1.59 4.51 -26.99
CA THR B 50 0.54 5.27 -26.29
C THR B 50 1.06 6.65 -25.91
N ARG B 51 0.16 7.54 -25.51
CA ARG B 51 0.52 8.94 -25.21
C ARG B 51 0.12 9.32 -23.78
N PRO B 52 0.97 9.00 -22.80
CA PRO B 52 0.70 9.43 -21.43
C PRO B 52 0.80 10.96 -21.28
N LEU B 53 0.03 11.52 -20.35
CA LEU B 53 0.10 12.94 -20.04
C LEU B 53 0.79 13.13 -18.69
N PHE B 54 1.42 14.29 -18.51
CA PHE B 54 2.21 14.55 -17.32
C PHE B 54 2.23 16.05 -16.97
N ASN B 55 1.98 16.35 -15.70
CA ASN B 55 2.15 17.70 -15.16
C ASN B 55 2.94 17.63 -13.88
N THR B 56 3.70 18.69 -13.57
CA THR B 56 4.53 18.72 -12.38
C THR B 56 4.64 20.14 -11.79
N SER B 57 4.78 20.20 -10.47
CA SER B 57 4.92 21.47 -9.76
C SER B 57 6.38 21.93 -9.75
N ASN B 58 7.32 20.99 -9.75
CA ASN B 58 8.74 21.29 -9.92
C ASN B 58 9.34 20.31 -10.93
N PRO B 59 9.64 20.80 -12.15
CA PRO B 59 10.13 19.90 -13.21
C PRO B 59 11.56 19.40 -13.04
N THR B 60 12.36 20.07 -12.19
CA THR B 60 13.75 19.67 -12.00
C THR B 60 13.84 18.44 -11.09
N ILE B 61 13.15 18.48 -9.95
CA ILE B 61 13.12 17.32 -9.04
C ILE B 61 12.14 16.25 -9.52
N PHE B 62 10.84 16.56 -9.56
CA PHE B 62 9.82 15.62 -10.05
C PHE B 62 9.71 15.69 -11.58
N SER B 63 10.72 15.17 -12.26
CA SER B 63 10.70 15.07 -13.71
C SER B 63 9.89 13.84 -14.08
N GLN B 64 9.49 13.75 -15.35
CA GLN B 64 8.70 12.63 -15.83
C GLN B 64 9.40 11.30 -15.51
N GLU B 65 10.69 11.22 -15.83
CA GLU B 65 11.46 10.00 -15.58
C GLU B 65 11.50 9.64 -14.09
N TYR B 66 11.65 10.65 -13.24
CA TYR B 66 11.67 10.45 -11.79
C TYR B 66 10.32 9.93 -11.29
N THR B 67 9.24 10.57 -11.76
CA THR B 67 7.89 10.18 -11.41
C THR B 67 7.60 8.74 -11.84
N GLU B 68 8.03 8.39 -13.05
CA GLU B 68 7.88 7.03 -13.56
C GLU B 68 8.61 6.00 -12.69
N ALA B 69 9.80 6.35 -12.22
CA ALA B 69 10.55 5.49 -11.31
C ALA B 69 9.79 5.25 -9.99
N ARG B 70 9.08 6.27 -9.52
CA ARG B 70 8.24 6.12 -8.32
C ARG B 70 7.00 5.29 -8.57
N LEU B 71 6.37 5.50 -9.73
CA LEU B 71 5.23 4.67 -10.12
C LEU B 71 5.63 3.19 -10.22
N ASN B 72 6.86 2.94 -10.64
CA ASN B 72 7.39 1.57 -10.68
C ASN B 72 7.62 1.02 -9.28
N ASP B 73 8.19 1.85 -8.40
CA ASP B 73 8.38 1.46 -7.00
C ASP B 73 7.06 1.09 -6.33
N ALA B 74 6.01 1.84 -6.64
CA ALA B 74 4.72 1.71 -5.96
C ALA B 74 3.88 0.57 -6.53
N PHE B 75 3.65 0.62 -7.84
CA PHE B 75 2.72 -0.31 -8.48
C PHE B 75 3.37 -1.29 -9.45
N ASN B 76 4.68 -1.16 -9.65
CA ASN B 76 5.42 -2.00 -10.59
C ASN B 76 4.95 -1.82 -12.04
N ILE B 77 4.55 -0.58 -12.36
CA ILE B 77 4.22 -0.23 -13.74
C ILE B 77 5.52 -0.42 -14.52
N GLN B 78 5.46 -1.24 -15.57
CA GLN B 78 6.65 -1.57 -16.35
C GLN B 78 6.78 -0.66 -17.56
N LEU B 79 5.67 -0.53 -18.29
CA LEU B 79 5.65 0.15 -19.57
C LEU B 79 4.73 1.36 -19.49
N PHE B 80 5.28 2.51 -19.86
CA PHE B 80 4.60 3.79 -19.65
C PHE B 80 4.05 4.41 -20.93
N ASN B 81 4.65 4.11 -22.08
CA ASN B 81 4.14 4.61 -23.36
C ASN B 81 4.08 3.56 -24.49
N THR B 82 3.94 2.29 -24.10
CA THR B 82 3.67 1.20 -25.04
C THR B 82 2.69 0.21 -24.41
N SER B 83 1.70 -0.22 -25.20
CA SER B 83 0.69 -1.15 -24.75
C SER B 83 0.44 -2.22 -25.82
N THR B 84 0.13 -3.44 -25.41
CA THR B 84 -0.35 -4.49 -26.31
C THR B 84 -1.79 -4.90 -26.00
N THR B 85 -2.44 -4.14 -25.12
CA THR B 85 -3.79 -4.44 -24.67
C THR B 85 -4.79 -3.88 -25.69
N LEU B 86 -5.84 -4.60 -26.00
CA LEU B 86 -6.86 -4.04 -26.87
C LEU B 86 -8.16 -3.79 -26.11
N PHE B 87 -8.95 -2.85 -26.61
CA PHE B 87 -10.30 -2.66 -26.11
C PHE B 87 -11.24 -2.40 -27.25
N LYS B 88 -12.50 -2.78 -27.03
CA LYS B 88 -13.51 -2.76 -28.07
C LYS B 88 -14.88 -2.59 -27.41
N PHE B 89 -15.77 -1.85 -28.07
CA PHE B 89 -17.14 -1.70 -27.62
C PHE B 89 -18.09 -2.10 -28.74
N VAL B 90 -19.08 -2.91 -28.41
CA VAL B 90 -20.06 -3.39 -29.39
C VAL B 90 -21.45 -3.20 -28.84
N GLU B 91 -22.37 -2.80 -29.70
CA GLU B 91 -23.72 -2.50 -29.25
C GLU B 91 -24.69 -2.62 -30.41
N GLU B 92 -25.73 -3.45 -30.24
CA GLU B 92 -26.82 -3.51 -31.21
C GLU B 92 -27.95 -2.56 -30.83
N ALA B 93 -28.40 -1.76 -31.79
CA ALA B 93 -29.54 -0.87 -31.58
C ALA B 93 -30.85 -1.66 -31.58
N PRO B 94 -31.80 -1.29 -30.70
CA PRO B 94 -33.11 -1.95 -30.69
C PRO B 94 -33.88 -1.77 -31.99
N THR B 95 -34.97 -2.51 -32.17
CA THR B 95 -35.76 -2.45 -33.40
C THR B 95 -36.47 -1.10 -33.61
N ASN B 96 -36.71 -0.38 -32.52
CA ASN B 96 -37.54 0.83 -32.56
C ASN B 96 -36.76 2.15 -32.58
N LYS B 97 -35.58 2.18 -31.97
CA LYS B 97 -34.81 3.43 -31.86
C LYS B 97 -33.36 3.31 -32.36
N ASN B 98 -32.83 4.42 -32.86
CA ASN B 98 -31.41 4.55 -33.18
C ASN B 98 -30.63 4.86 -31.92
N ILE B 99 -29.35 4.49 -31.92
CA ILE B 99 -28.50 4.69 -30.77
C ILE B 99 -27.20 5.43 -31.13
N SER B 100 -26.70 6.21 -30.18
CA SER B 100 -25.45 6.93 -30.33
C SER B 100 -24.37 6.26 -29.49
N LYS B 102 -20.56 6.88 -28.24
CA LYS B 102 -19.48 7.84 -28.10
C LYS B 102 -18.33 7.16 -27.37
N VAL B 103 -17.15 7.08 -27.99
CA VAL B 103 -16.01 6.42 -27.36
C VAL B 103 -14.83 7.37 -27.17
N TYR B 104 -14.24 7.31 -25.98
CA TYR B 104 -13.13 8.17 -25.61
C TYR B 104 -11.94 7.33 -25.18
N ASN B 105 -10.74 7.88 -25.38
CA ASN B 105 -9.57 7.42 -24.64
C ASN B 105 -9.69 7.88 -23.20
N THR B 106 -9.09 7.13 -22.28
CA THR B 106 -9.10 7.48 -20.87
C THR B 106 -7.71 7.26 -20.27
N TYR B 107 -7.54 7.71 -19.04
CA TYR B 107 -6.28 7.58 -18.32
C TYR B 107 -6.55 7.20 -16.87
N GLU B 108 -5.56 6.53 -16.27
CA GLU B 108 -5.49 6.40 -14.82
C GLU B 108 -4.62 7.52 -14.28
N LYS B 109 -5.13 8.25 -13.29
CA LYS B 109 -4.39 9.37 -12.69
C LYS B 109 -3.58 8.90 -11.50
N TYR B 110 -2.26 8.91 -11.65
CA TYR B 110 -1.35 8.64 -10.52
C TYR B 110 -0.76 9.97 -10.05
N GLU B 111 -0.78 10.17 -8.74
CA GLU B 111 -0.27 11.40 -8.15
C GLU B 111 0.92 11.10 -7.27
N LEU B 112 2.07 11.71 -7.58
CA LEU B 112 3.26 11.63 -6.75
C LEU B 112 3.34 12.88 -5.90
N ILE B 113 3.44 12.71 -4.58
CA ILE B 113 3.58 13.85 -3.68
C ILE B 113 4.80 13.70 -2.78
N ASN B 114 5.45 14.84 -2.51
CA ASN B 114 6.42 14.95 -1.43
C ASN B 114 5.68 15.61 -0.28
N TYR B 115 5.42 14.82 0.76
CA TYR B 115 4.60 15.23 1.89
C TYR B 115 5.49 15.58 3.06
N GLN B 116 5.43 16.83 3.51
CA GLN B 116 6.28 17.31 4.61
C GLN B 116 5.49 18.15 5.62
N ASN B 117 5.47 17.71 6.88
CA ASN B 117 4.77 18.40 7.97
C ASN B 117 3.31 18.73 7.64
N GLY B 118 2.61 17.78 7.05
CA GLY B 118 1.21 17.96 6.69
C GLY B 118 0.97 18.81 5.45
N ASN B 119 2.02 19.13 4.70
CA ASN B 119 1.90 19.89 3.47
C ASN B 119 2.45 19.11 2.28
N ILE B 120 1.87 19.37 1.11
CA ILE B 120 2.39 18.87 -0.15
C ILE B 120 3.43 19.88 -0.63
N ASP B 121 4.70 19.53 -0.51
CA ASP B 121 5.78 20.42 -0.97
C ASP B 121 6.01 20.29 -2.47
N ASP B 122 5.92 19.07 -3.00
CA ASP B 122 6.09 18.83 -4.43
C ASP B 122 5.02 17.86 -4.93
N LYS B 123 4.52 18.12 -6.14
CA LYS B 123 3.33 17.44 -6.66
C LYS B 123 3.49 17.18 -8.17
N ALA B 124 3.34 15.92 -8.56
CA ALA B 124 3.33 15.55 -9.97
C ALA B 124 2.13 14.64 -10.26
N GLU B 125 1.52 14.81 -11.43
CA GLU B 125 0.37 14.02 -11.85
C GLU B 125 0.73 13.27 -13.13
N TYR B 126 0.67 11.94 -13.08
CA TYR B 126 0.96 11.12 -14.25
C TYR B 126 -0.29 10.40 -14.73
N TYR B 127 -0.68 10.65 -15.98
CA TYR B 127 -1.87 10.06 -16.54
C TYR B 127 -1.48 8.90 -17.45
N LEU B 128 -1.72 7.68 -16.97
CA LEU B 128 -1.39 6.45 -17.67
C LEU B 128 -2.53 6.07 -18.61
N PRO B 129 -2.24 5.95 -19.93
CA PRO B 129 -3.28 5.58 -20.90
C PRO B 129 -3.99 4.30 -20.53
N SER B 130 -5.32 4.33 -20.54
CA SER B 130 -6.13 3.23 -20.03
C SER B 130 -6.97 2.62 -21.16
N LEU B 131 -7.99 1.83 -20.81
CA LEU B 131 -8.70 1.03 -21.80
C LEU B 131 -10.08 1.60 -22.19
N GLY B 132 -10.23 2.91 -22.09
CA GLY B 132 -11.31 3.61 -22.77
C GLY B 132 -12.63 3.72 -22.03
N LYS B 133 -13.50 4.55 -22.59
CA LYS B 133 -14.84 4.76 -22.06
C LYS B 133 -15.82 4.81 -23.23
N CYS B 134 -16.98 4.17 -23.03
CA CYS B 134 -18.04 4.20 -24.01
C CYS B 134 -19.33 4.72 -23.36
N GLU B 135 -19.96 5.69 -24.01
CA GLU B 135 -21.25 6.21 -23.58
C GLU B 135 -22.24 5.94 -24.70
N VAL B 136 -23.24 5.11 -24.42
CA VAL B 136 -24.34 4.92 -25.35
C VAL B 136 -25.61 5.57 -24.81
N SER B 137 -26.39 6.13 -25.72
CA SER B 137 -27.69 6.69 -25.39
C SER B 137 -28.55 6.71 -26.64
N ASP B 138 -29.80 7.14 -26.49
CA ASP B 138 -30.69 7.29 -27.62
C ASP B 138 -30.11 8.32 -28.58
N ALA B 139 -30.15 8.02 -29.88
CA ALA B 139 -29.60 8.92 -30.88
C ALA B 139 -30.33 10.24 -30.79
N PRO B 140 -29.58 11.37 -30.78
CA PRO B 140 -30.21 12.68 -30.66
C PRO B 140 -30.90 13.05 -31.96
N SER B 141 -31.97 13.84 -31.88
CA SER B 141 -32.64 14.32 -33.07
C SER B 141 -31.68 15.24 -33.85
N PRO B 142 -31.49 14.97 -35.15
CA PRO B 142 -30.68 15.91 -35.94
C PRO B 142 -31.33 17.30 -36.08
N GLN B 143 -32.62 17.39 -35.79
CA GLN B 143 -33.35 18.66 -35.82
C GLN B 143 -33.27 19.39 -34.47
N ALA B 144 -32.57 18.80 -33.49
CA ALA B 144 -32.46 19.39 -32.15
C ALA B 144 -31.84 20.77 -32.24
N PRO B 145 -32.36 21.72 -31.45
CA PRO B 145 -31.85 23.09 -31.54
C PRO B 145 -30.38 23.19 -31.10
N VAL B 146 -29.63 24.04 -31.80
CA VAL B 146 -28.21 24.24 -31.56
C VAL B 146 -28.00 25.31 -30.49
N VAL B 147 -27.60 24.87 -29.29
CA VAL B 147 -27.34 25.78 -28.19
C VAL B 147 -25.89 26.24 -28.22
N GLU B 148 -25.69 27.56 -28.31
CA GLU B 148 -24.35 28.14 -28.31
C GLU B 148 -23.79 28.09 -26.89
N THR B 149 -22.78 27.26 -26.68
CA THR B 149 -22.24 27.04 -25.34
C THR B 149 -20.72 27.26 -25.34
N PRO B 150 -20.20 27.96 -24.32
CA PRO B 150 -18.77 28.23 -24.30
C PRO B 150 -17.95 26.98 -24.00
N VAL B 151 -16.76 26.91 -24.59
CA VAL B 151 -15.81 25.84 -24.31
C VAL B 151 -15.47 25.92 -22.82
N ASP B 152 -15.60 24.82 -22.09
CA ASP B 152 -15.35 24.87 -20.65
C ASP B 152 -13.85 24.80 -20.33
N GLN B 153 -13.53 25.05 -19.07
CA GLN B 153 -12.15 25.14 -18.60
C GLN B 153 -11.27 23.95 -19.00
N ASP B 154 -10.02 24.25 -19.32
CA ASP B 154 -9.05 23.24 -19.73
C ASP B 154 -8.66 22.39 -18.52
N GLY B 155 -8.66 21.07 -18.70
CA GLY B 155 -8.32 20.15 -17.60
C GLY B 155 -8.95 18.79 -17.77
N PHE B 156 -9.03 18.04 -16.68
CA PHE B 156 -9.57 16.68 -16.70
C PHE B 156 -10.90 16.58 -15.96
N ILE B 157 -11.67 15.56 -16.34
CA ILE B 157 -12.87 15.16 -15.61
C ILE B 157 -12.73 13.66 -15.33
N GLN B 158 -13.31 13.18 -14.24
CA GLN B 158 -13.25 11.74 -13.92
C GLN B 158 -14.59 11.07 -14.14
N THR B 159 -14.59 10.01 -14.95
CA THR B 159 -15.81 9.29 -15.32
C THR B 159 -15.81 7.84 -14.85
N GLY B 160 -14.76 7.44 -14.14
CA GLY B 160 -14.67 6.09 -13.59
C GLY B 160 -15.09 6.02 -12.14
N PRO B 161 -15.01 4.83 -11.53
CA PRO B 161 -15.43 4.67 -10.15
C PRO B 161 -14.46 5.34 -9.17
N ASN B 162 -15.00 5.82 -8.05
CA ASN B 162 -14.21 6.52 -7.05
C ASN B 162 -13.10 5.62 -6.50
N GLU B 163 -11.89 6.17 -6.43
CA GLU B 163 -10.72 5.43 -6.01
C GLU B 163 -9.66 6.38 -5.47
N ASN B 164 -9.02 5.96 -4.37
CA ASN B 164 -7.92 6.72 -3.79
C ASN B 164 -6.99 5.77 -3.03
N ILE B 165 -6.14 5.06 -3.77
CA ILE B 165 -5.20 4.10 -3.21
C ILE B 165 -3.84 4.77 -3.00
N ILE B 166 -3.48 4.96 -1.74
CA ILE B 166 -2.23 5.60 -1.36
C ILE B 166 -1.17 4.53 -1.07
N VAL B 167 -0.03 4.65 -1.73
CA VAL B 167 1.09 3.74 -1.51
C VAL B 167 2.34 4.57 -1.26
N GLY B 168 2.95 4.34 -0.11
CA GLY B 168 4.22 4.98 0.21
C GLY B 168 5.35 4.31 -0.53
N VAL B 169 6.35 5.08 -0.92
CA VAL B 169 7.54 4.51 -1.53
C VAL B 169 8.79 5.00 -0.79
N ILE B 170 9.79 4.13 -0.72
CA ILE B 170 11.07 4.50 -0.14
C ILE B 170 11.66 5.71 -0.85
N ASN B 171 12.12 6.70 -0.08
CA ASN B 171 12.83 7.84 -0.63
C ASN B 171 14.18 7.36 -1.13
N PRO B 172 14.38 7.35 -2.47
CA PRO B 172 15.60 6.75 -3.03
C PRO B 172 16.88 7.55 -2.82
N SER B 173 16.77 8.74 -2.21
CA SER B 173 17.95 9.51 -1.78
C SER B 173 18.34 9.20 -0.33
N GLU B 174 17.63 8.26 0.30
CA GLU B 174 17.98 7.80 1.64
C GLU B 174 18.40 6.33 1.57
N ASN B 175 19.61 6.05 2.08
CA ASN B 175 20.17 4.70 2.03
C ASN B 175 19.38 3.70 2.85
N ILE B 176 19.47 2.45 2.42
CA ILE B 176 18.82 1.34 3.10
C ILE B 176 19.88 0.46 3.74
N GLU B 177 19.84 0.33 5.06
CA GLU B 177 20.64 -0.65 5.78
C GLU B 177 19.81 -1.91 5.88
N GLU B 178 20.46 -3.07 5.89
CA GLU B 178 19.77 -4.34 6.01
C GLU B 178 20.35 -5.16 7.16
N ILE B 179 19.46 -5.64 8.03
CA ILE B 179 19.81 -6.66 9.00
C ILE B 179 19.42 -8.01 8.37
N SER B 180 20.41 -8.68 7.80
CA SER B 180 20.15 -9.91 7.04
C SER B 180 19.63 -11.02 7.93
N THR B 181 20.13 -11.10 9.16
CA THR B 181 19.72 -12.13 10.08
C THR B 181 18.39 -11.73 10.74
N PRO B 182 17.37 -12.61 10.66
CA PRO B 182 16.11 -12.32 11.36
C PRO B 182 16.34 -12.10 12.85
N ILE B 183 15.88 -10.98 13.38
CA ILE B 183 16.25 -10.58 14.73
C ILE B 183 15.66 -11.52 15.77
N PRO B 184 16.42 -11.83 16.84
CA PRO B 184 15.90 -12.59 17.96
C PRO B 184 15.03 -11.70 18.86
N ASP B 185 14.63 -12.23 20.01
CA ASP B 185 13.73 -11.51 20.92
C ASP B 185 14.32 -10.18 21.41
N ASP B 186 15.64 -10.14 21.60
CA ASP B 186 16.33 -8.92 22.00
C ASP B 186 17.47 -8.62 21.04
N TYR B 187 17.43 -7.45 20.41
CA TYR B 187 18.45 -7.05 19.46
C TYR B 187 18.78 -5.57 19.57
N THR B 188 20.06 -5.27 19.39
CA THR B 188 20.58 -3.91 19.40
C THR B 188 21.36 -3.69 18.11
N TYR B 189 21.00 -2.65 17.37
CA TYR B 189 21.63 -2.33 16.11
C TYR B 189 22.36 -1.00 16.21
N ASN B 190 23.66 -1.01 15.99
CA ASN B 190 24.44 0.22 15.98
C ASN B 190 24.21 1.00 14.68
N ILE B 191 23.72 2.23 14.82
CA ILE B 191 23.43 3.08 13.67
C ILE B 191 24.74 3.67 13.12
N PRO B 192 25.06 3.40 11.84
CA PRO B 192 26.33 3.87 11.28
C PRO B 192 26.39 5.39 11.13
N THR B 193 27.60 5.89 10.87
CA THR B 193 27.87 7.32 10.86
C THR B 193 27.20 8.09 9.71
N SER B 194 26.73 7.36 8.69
CA SER B 194 26.04 8.01 7.57
C SER B 194 24.74 8.70 8.01
N ILE B 195 24.18 8.27 9.14
CA ILE B 195 23.00 8.92 9.71
C ILE B 195 23.23 10.41 10.03
N GLN B 196 24.50 10.81 10.16
CA GLN B 196 24.85 12.21 10.34
C GLN B 196 24.51 13.08 9.12
N ASN B 197 24.44 12.46 7.94
CA ASN B 197 24.35 13.18 6.67
C ASN B 197 22.96 13.15 6.04
N ASN B 198 22.18 12.12 6.36
CA ASN B 198 20.79 12.03 5.94
C ASN B 198 20.10 10.88 6.66
N ALA B 199 18.76 10.89 6.64
CA ALA B 199 17.98 9.79 7.19
C ALA B 199 18.25 8.49 6.44
N CYS B 200 17.94 7.36 7.07
CA CYS B 200 18.11 6.07 6.45
C CYS B 200 16.97 5.14 6.84
N TYR B 201 16.81 4.06 6.10
CA TYR B 201 15.90 2.98 6.48
C TYR B 201 16.72 1.77 6.90
N VAL B 202 16.20 1.00 7.85
CA VAL B 202 16.80 -0.29 8.18
C VAL B 202 15.78 -1.40 7.88
N LEU B 203 16.10 -2.24 6.90
CA LEU B 203 15.29 -3.37 6.53
C LEU B 203 15.60 -4.54 7.45
N PHE B 204 14.55 -5.13 8.03
CA PHE B 204 14.72 -6.28 8.90
C PHE B 204 13.48 -7.17 8.93
N LYS B 205 13.62 -8.33 9.56
CA LYS B 205 12.46 -9.17 9.89
C LYS B 205 12.69 -9.79 11.27
N VAL B 206 11.62 -10.29 11.87
CA VAL B 206 11.70 -10.93 13.18
C VAL B 206 11.76 -12.45 13.02
N ASN B 207 12.50 -13.09 13.92
CA ASN B 207 12.60 -14.54 13.95
C ASN B 207 11.30 -15.17 14.42
N THR B 208 10.67 -14.53 15.41
CA THR B 208 9.45 -15.04 16.04
C THR B 208 8.34 -13.99 16.02
N THR B 209 7.16 -14.38 15.51
CA THR B 209 6.00 -13.51 15.49
C THR B 209 5.63 -13.09 16.90
N GLY B 210 5.45 -11.80 17.11
CA GLY B 210 5.08 -11.27 18.42
C GLY B 210 4.99 -9.76 18.44
N VAL B 211 4.75 -9.21 19.63
CA VAL B 211 4.72 -7.77 19.85
C VAL B 211 6.12 -7.32 20.25
N TYR B 212 6.55 -6.17 19.75
CA TYR B 212 7.90 -5.65 20.02
C TYR B 212 7.91 -4.18 20.42
N LYS B 213 8.82 -3.85 21.34
CA LYS B 213 9.13 -2.47 21.67
C LYS B 213 10.35 -2.04 20.85
N ILE B 214 10.20 -1.00 20.03
CA ILE B 214 11.30 -0.47 19.23
C ILE B 214 11.59 0.97 19.65
N THR B 215 12.86 1.26 19.93
CA THR B 215 13.23 2.59 20.41
C THR B 215 14.71 2.84 20.20
N THR B 216 15.06 4.13 20.13
CA THR B 216 16.46 4.54 20.16
C THR B 216 16.95 4.58 21.59
N LYS B 217 18.27 4.69 21.77
CA LYS B 217 18.85 4.89 23.09
C LYS B 217 18.38 6.25 23.59
N ASN B 218 17.86 6.29 24.82
CA ASN B 218 17.29 7.52 25.38
C ASN B 218 15.99 7.98 24.69
N ASN B 219 15.40 7.11 23.88
CA ASN B 219 14.10 7.38 23.23
C ASN B 219 14.05 8.57 22.26
N LEU B 220 15.20 9.04 21.79
CA LEU B 220 15.28 10.08 20.78
C LEU B 220 16.33 9.68 19.72
N PRO B 221 16.04 9.95 18.43
CA PRO B 221 14.83 10.57 17.88
C PRO B 221 13.67 9.58 17.80
N PRO B 222 12.46 10.08 17.45
CA PRO B 222 11.35 9.17 17.20
C PRO B 222 11.60 8.33 15.95
N LEU B 223 10.94 7.18 15.87
CA LEU B 223 11.09 6.29 14.73
C LEU B 223 9.78 6.16 13.95
N ILE B 224 9.91 5.80 12.67
CA ILE B 224 8.78 5.43 11.85
C ILE B 224 9.00 3.99 11.41
N ILE B 225 7.94 3.19 11.39
CA ILE B 225 8.02 1.82 10.90
C ILE B 225 6.96 1.54 9.84
N TYR B 226 7.39 0.88 8.77
CA TYR B 226 6.55 0.50 7.65
C TYR B 226 6.63 -0.99 7.43
N GLU B 227 5.70 -1.51 6.64
CA GLU B 227 5.75 -2.86 6.15
C GLU B 227 5.98 -2.85 4.64
N ALA B 228 6.83 -3.75 4.14
CA ALA B 228 7.03 -3.91 2.71
C ALA B 228 5.81 -4.60 2.14
N ILE B 229 5.20 -4.00 1.13
CA ILE B 229 3.96 -4.50 0.58
C ILE B 229 4.26 -5.62 -0.42
N GLY B 230 3.71 -6.81 -0.15
CA GLY B 230 3.85 -7.97 -1.03
C GLY B 230 5.08 -8.82 -0.81
N SER B 231 5.77 -8.62 0.32
CA SER B 231 6.98 -9.40 0.60
C SER B 231 6.66 -10.85 1.00
N SER B 232 5.48 -11.08 1.57
CA SER B 232 5.06 -12.44 1.97
C SER B 232 5.00 -13.40 0.79
N ASN B 233 4.95 -14.70 1.08
CA ASN B 233 5.23 -15.74 0.08
C ASN B 233 6.63 -15.48 -0.48
N ARG B 234 6.84 -15.75 -1.77
CA ARG B 234 8.07 -15.40 -2.46
C ARG B 234 9.30 -16.09 -1.86
N ASN B 235 10.50 -15.66 -2.27
CA ASN B 235 11.74 -16.34 -1.88
C ASN B 235 12.05 -16.27 -0.38
N ASN B 237 15.00 -17.97 2.83
CA ASN B 237 16.08 -18.81 3.35
C ASN B 237 16.04 -18.82 4.88
N SER B 238 16.51 -19.91 5.48
CA SER B 238 16.36 -20.17 6.92
C SER B 238 16.71 -18.97 7.82
N ASN B 239 18.00 -18.65 7.90
CA ASN B 239 18.48 -17.54 8.73
C ASN B 239 19.04 -16.42 7.85
N ASN B 240 18.19 -15.89 6.98
CA ASN B 240 18.59 -14.84 6.05
C ASN B 240 17.36 -14.13 5.47
N LEU B 241 17.36 -12.80 5.59
CA LEU B 241 16.28 -11.97 5.07
C LEU B 241 16.36 -11.95 3.55
N SER B 242 15.25 -12.27 2.89
CA SER B 242 15.18 -12.27 1.44
C SER B 242 14.74 -10.92 0.92
N ASN B 243 15.70 -10.19 0.34
CA ASN B 243 15.43 -8.89 -0.26
C ASN B 243 14.98 -9.08 -1.70
N ASP B 244 13.79 -8.58 -2.02
CA ASP B 244 13.28 -8.56 -3.40
C ASP B 244 13.28 -7.12 -3.91
N ASN B 245 13.99 -6.24 -3.21
CA ASN B 245 14.01 -4.82 -3.50
C ASN B 245 12.60 -4.24 -3.63
N ILE B 246 11.72 -4.65 -2.72
CA ILE B 246 10.36 -4.09 -2.67
C ILE B 246 10.44 -2.72 -2.01
N LYS B 247 10.05 -1.70 -2.77
CA LYS B 247 10.14 -0.32 -2.33
C LYS B 247 8.77 0.30 -2.04
N ALA B 248 7.71 -0.46 -2.27
CA ALA B 248 6.37 -0.06 -1.86
C ALA B 248 6.22 -0.38 -0.38
N ILE B 249 5.82 0.62 0.40
CA ILE B 249 5.80 0.47 1.84
C ILE B 249 4.48 0.95 2.44
N LYS B 250 3.98 0.21 3.41
CA LYS B 250 2.77 0.56 4.15
C LYS B 250 3.09 1.04 5.56
N TYR B 251 2.79 2.31 5.82
CA TYR B 251 3.02 2.92 7.13
C TYR B 251 2.26 2.20 8.24
N ILE B 252 2.96 1.86 9.33
CA ILE B 252 2.33 1.23 10.49
C ILE B 252 2.09 2.25 11.61
N THR B 253 3.17 2.81 12.16
CA THR B 253 3.09 3.87 13.16
C THR B 253 4.45 4.56 13.30
N GLY B 254 4.45 5.69 14.01
CA GLY B 254 5.64 6.52 14.15
C GLY B 254 5.38 7.91 13.62
N LEU B 255 6.29 8.84 13.90
CA LEU B 255 6.11 10.25 13.51
C LEU B 255 7.46 10.96 13.33
N ASN B 256 7.40 12.18 12.81
CA ASN B 256 8.60 12.95 12.47
C ASN B 256 9.02 14.00 13.51
N ARG B 257 8.06 14.53 14.26
CA ARG B 257 8.33 15.62 15.21
C ARG B 257 9.57 15.32 16.06
N SER B 258 10.59 16.18 15.97
CA SER B 258 11.92 15.88 16.51
C SER B 258 12.03 15.81 18.04
N ASP B 259 11.14 16.49 18.76
CA ASP B 259 11.17 16.47 20.23
C ASP B 259 10.26 15.40 20.86
N ALA B 260 9.67 14.54 20.03
CA ALA B 260 8.73 13.53 20.52
C ALA B 260 9.46 12.30 21.02
N LYS B 261 9.99 12.35 22.25
CA LYS B 261 10.71 11.20 22.79
C LYS B 261 9.71 10.07 23.03
N SER B 262 10.03 8.90 22.50
CA SER B 262 9.05 7.84 22.39
C SER B 262 9.65 6.47 22.09
N TYR B 263 8.80 5.46 22.10
CA TYR B 263 9.11 4.15 21.59
C TYR B 263 7.89 3.61 20.89
N LEU B 264 8.07 2.56 20.09
CA LEU B 264 6.98 1.98 19.34
C LEU B 264 6.59 0.66 19.97
N ILE B 265 5.30 0.38 19.99
CA ILE B 265 4.78 -0.93 20.38
C ILE B 265 4.03 -1.45 19.16
N VAL B 266 4.62 -2.45 18.51
CA VAL B 266 4.12 -2.92 17.23
C VAL B 266 4.01 -4.43 17.19
N SER B 267 2.94 -4.90 16.55
CA SER B 267 2.73 -6.32 16.30
C SER B 267 3.43 -6.68 14.98
N LEU B 268 4.52 -7.45 15.07
CA LEU B 268 5.31 -7.82 13.89
C LEU B 268 5.17 -9.31 13.60
N PHE B 269 5.15 -9.65 12.31
CA PHE B 269 4.94 -11.03 11.88
C PHE B 269 6.15 -11.58 11.15
N LYS B 270 6.44 -12.86 11.44
CA LYS B 270 7.62 -13.56 10.93
C LYS B 270 7.73 -13.58 9.40
N ASP B 271 6.59 -13.73 8.71
CA ASP B 271 6.59 -13.88 7.25
C ASP B 271 6.68 -12.55 6.48
N LYS B 272 6.80 -11.44 7.19
CA LYS B 272 6.86 -10.12 6.56
C LYS B 272 8.23 -9.46 6.69
N ASN B 273 8.48 -8.46 5.85
CA ASN B 273 9.65 -7.61 5.93
C ASN B 273 9.23 -6.20 6.33
N TYR B 274 10.00 -5.58 7.22
CA TYR B 274 9.67 -4.26 7.72
C TYR B 274 10.80 -3.26 7.47
N TYR B 275 10.44 -1.99 7.44
CA TYR B 275 11.40 -0.90 7.32
C TYR B 275 11.21 0.05 8.49
N ILE B 276 12.31 0.39 9.16
CA ILE B 276 12.32 1.47 10.14
C ILE B 276 13.10 2.63 9.54
N ARG B 277 12.49 3.80 9.49
CA ARG B 277 13.19 5.01 9.06
C ARG B 277 13.77 5.71 10.28
N ILE B 278 15.09 5.81 10.32
CA ILE B 278 15.80 6.56 11.34
C ILE B 278 16.14 7.93 10.76
N PRO B 279 15.64 9.00 11.37
CA PRO B 279 15.97 10.33 10.85
C PRO B 279 17.44 10.69 10.99
N GLN B 280 17.84 11.77 10.32
CA GLN B 280 19.18 12.30 10.42
C GLN B 280 19.45 12.71 11.87
N ILE B 281 20.57 12.25 12.43
CA ILE B 281 21.03 12.71 13.73
C ILE B 281 22.43 13.30 13.57
N SER B 282 22.58 14.57 13.95
CA SER B 282 23.81 15.31 13.69
C SER B 282 24.87 15.11 14.78
N SER B 283 24.56 14.32 15.80
CA SER B 283 25.50 14.03 16.89
C SER B 283 26.75 13.27 16.41
N SER B 284 27.83 13.40 17.16
CA SER B 284 29.07 12.67 16.87
C SER B 284 29.19 11.37 17.66
N THR B 285 28.28 11.16 18.61
CA THR B 285 28.25 9.92 19.41
C THR B 285 27.24 8.94 18.78
N THR B 286 27.60 7.65 18.80
CA THR B 286 26.80 6.63 18.12
C THR B 286 25.45 6.37 18.78
N SER B 287 24.40 6.32 17.96
CA SER B 287 23.06 5.97 18.41
C SER B 287 22.77 4.50 18.13
N GLN B 288 21.79 3.95 18.84
CA GLN B 288 21.44 2.54 18.71
C GLN B 288 19.95 2.34 18.46
N LEU B 289 19.63 1.27 17.74
CA LEU B 289 18.24 0.85 17.52
C LEU B 289 18.02 -0.38 18.41
N ILE B 290 17.09 -0.27 19.36
CA ILE B 290 16.86 -1.32 20.35
C ILE B 290 15.53 -2.03 20.09
N PHE B 291 15.61 -3.33 19.85
CA PHE B 291 14.42 -4.19 19.71
C PHE B 291 14.27 -5.03 20.97
N LYS B 292 13.04 -5.13 21.47
CA LYS B 292 12.75 -5.91 22.66
C LYS B 292 11.38 -6.57 22.54
N ARG B 293 11.37 -7.90 22.47
CA ARG B 293 10.13 -8.68 22.44
C ARG B 293 9.36 -8.46 23.74
N GLU B 294 8.05 -8.23 23.62
CA GLU B 294 7.19 -8.02 24.79
C GLU B 294 6.11 -9.09 24.89
N LEU B 295 6.15 -9.86 25.97
CA LEU B 295 5.07 -10.78 26.32
C LEU B 295 4.10 -10.02 27.22
N GLY B 296 2.87 -10.52 27.33
CA GLY B 296 1.88 -9.90 28.20
C GLY B 296 1.06 -8.80 27.53
N ASN B 297 0.16 -8.21 28.29
CA ASN B 297 -0.90 -7.36 27.73
C ASN B 297 -0.50 -5.94 27.31
N ILE B 298 0.80 -5.64 27.25
CA ILE B 298 1.25 -4.40 26.63
C ILE B 298 0.93 -4.44 25.12
N SER B 299 0.56 -5.63 24.63
CA SER B 299 0.00 -5.82 23.29
C SER B 299 -1.29 -5.04 23.04
N ASP B 300 -1.99 -4.66 24.12
CA ASP B 300 -3.15 -3.76 24.01
C ASP B 300 -2.80 -2.50 23.22
N LEU B 301 -1.56 -2.04 23.34
CA LEU B 301 -1.07 -0.87 22.60
C LEU B 301 -0.67 -1.17 21.15
N ALA B 302 -0.62 -2.45 20.77
CA ALA B 302 -0.10 -2.90 19.47
C ALA B 302 -0.40 -1.97 18.30
N ASP B 303 0.70 -1.58 17.64
CA ASP B 303 0.76 -0.53 16.63
C ASP B 303 0.35 0.80 17.24
N SER B 304 1.34 1.42 17.91
CA SER B 304 1.19 2.71 18.53
C SER B 304 2.57 3.28 18.83
N THR B 305 2.71 4.59 18.67
CA THR B 305 3.83 5.32 19.24
C THR B 305 3.48 5.65 20.69
N VAL B 306 4.41 5.39 21.60
CA VAL B 306 4.21 5.72 23.01
C VAL B 306 5.03 6.95 23.34
N ASN B 307 4.36 8.10 23.46
CA ASN B 307 5.02 9.37 23.75
C ASN B 307 5.30 9.55 25.24
N ILE B 308 6.59 9.68 25.60
CA ILE B 308 6.97 9.91 27.00
C ILE B 308 6.74 11.39 27.33
N LEU B 309 5.93 11.65 28.35
CA LEU B 309 5.57 13.03 28.70
C LEU B 309 6.50 13.60 29.77
N ASP B 310 7.05 14.77 29.47
CA ASP B 310 8.08 15.40 30.32
C ASP B 310 7.58 16.68 30.98
N ASN B 311 8.36 17.20 31.95
CA ASN B 311 8.12 18.43 32.76
C ASN B 311 6.69 18.70 33.25
N LEU B 312 6.21 17.79 34.09
CA LEU B 312 4.84 17.78 34.59
C LEU B 312 4.80 18.09 36.09
N ASN B 313 5.88 18.65 36.63
CA ASN B 313 5.94 19.02 38.05
C ASN B 313 5.06 20.24 38.33
N THR B 314 4.93 21.11 37.34
CA THR B 314 3.97 22.21 37.37
C THR B 314 2.55 21.64 37.25
N SER B 315 1.55 22.41 37.68
CA SER B 315 0.16 21.97 37.66
C SER B 315 -0.64 22.72 36.61
N GLY B 316 -1.74 22.10 36.14
CA GLY B 316 -2.62 22.70 35.14
C GLY B 316 -2.36 22.18 33.72
N THR B 317 -2.38 23.10 32.77
CA THR B 317 -2.20 22.80 31.34
C THR B 317 -0.88 22.08 31.03
N HIS B 318 -0.97 20.95 30.30
CA HIS B 318 0.21 20.28 29.75
C HIS B 318 -0.11 19.73 28.36
N TYR B 319 0.13 20.53 27.33
CA TYR B 319 -0.18 20.17 25.94
C TYR B 319 0.96 19.41 25.26
N TYR B 320 0.59 18.48 24.40
CA TYR B 320 1.55 17.76 23.56
C TYR B 320 0.95 17.55 22.17
N THR B 321 1.54 18.22 21.17
CA THR B 321 1.07 18.19 19.79
C THR B 321 1.84 17.11 19.04
N ARG B 322 1.10 16.20 18.42
CA ARG B 322 1.68 15.08 17.68
C ARG B 322 0.87 14.77 16.42
N GLN B 323 1.54 14.24 15.41
CA GLN B 323 0.89 13.73 14.21
C GLN B 323 -0.25 12.80 14.60
N SER B 324 -1.47 13.14 14.19
CA SER B 324 -2.63 12.33 14.51
C SER B 324 -2.62 11.01 13.76
N PRO B 325 -2.88 9.89 14.46
CA PRO B 325 -3.16 8.64 13.75
C PRO B 325 -4.49 8.76 13.00
N ASP B 326 -4.69 7.87 12.06
CA ASP B 326 -5.93 7.83 11.29
C ASP B 326 -7.07 7.32 12.17
N VAL B 327 -8.31 7.55 11.73
CA VAL B 327 -9.49 7.05 12.41
C VAL B 327 -9.34 5.55 12.68
N GLY B 328 -9.53 5.15 13.94
CA GLY B 328 -9.46 3.74 14.33
C GLY B 328 -8.11 3.29 14.84
N ASN B 329 -7.09 4.14 14.69
CA ASN B 329 -5.72 3.80 15.10
C ASN B 329 -5.28 4.49 16.38
N TYR B 330 -4.22 3.96 16.98
CA TYR B 330 -3.78 4.35 18.32
C TYR B 330 -2.66 5.40 18.33
N ILE B 331 -2.71 6.28 19.32
CA ILE B 331 -1.53 7.02 19.77
C ILE B 331 -1.53 6.94 21.29
N SER B 332 -0.35 6.75 21.87
CA SER B 332 -0.24 6.50 23.32
C SER B 332 0.72 7.44 24.03
N TYR B 333 0.48 7.63 25.33
CA TYR B 333 1.27 8.56 26.13
C TYR B 333 1.65 7.89 27.45
N GLN B 334 2.95 7.93 27.78
CA GLN B 334 3.45 7.37 29.04
C GLN B 334 3.73 8.48 30.03
N LEU B 335 3.24 8.29 31.26
CA LEU B 335 3.32 9.28 32.33
C LEU B 335 3.84 8.66 33.61
N THR B 336 5.04 9.09 34.04
CA THR B 336 5.49 8.82 35.39
C THR B 336 5.21 10.09 36.19
N ILE B 337 4.11 10.09 36.93
CA ILE B 337 3.68 11.31 37.63
C ILE B 337 4.67 11.68 38.75
N PRO B 338 4.89 13.01 38.96
CA PRO B 338 5.87 13.47 39.95
C PRO B 338 5.56 13.06 41.39
N GLY B 339 6.60 13.10 42.24
CA GLY B 339 6.47 12.76 43.65
C GLY B 339 7.09 11.41 43.98
N ASP B 340 7.26 11.15 45.27
CA ASP B 340 7.83 9.90 45.74
C ASP B 340 6.74 8.86 45.96
N PHE B 341 7.03 7.61 45.60
CA PHE B 341 6.04 6.54 45.64
C PHE B 341 5.82 5.93 47.03
N ASN B 342 4.61 6.13 47.64
CA ASN B 342 4.14 5.41 48.90
C ASN B 342 2.74 4.80 48.49
N ASN B 343 1.61 5.53 48.76
CA ASN B 343 0.29 5.35 48.16
C ASN B 343 -0.63 6.58 48.30
N ILE B 344 -0.05 7.78 48.22
CA ILE B 344 -0.82 9.02 48.09
C ILE B 344 -1.08 9.31 46.61
N ALA B 345 -2.31 9.66 46.30
CA ALA B 345 -2.69 10.04 44.94
C ALA B 345 -2.13 11.43 44.62
N SER B 346 -1.36 11.53 43.54
CA SER B 346 -0.75 12.80 43.17
C SER B 346 -1.78 13.71 42.50
N SER B 347 -1.64 15.01 42.79
CA SER B 347 -2.54 16.04 42.28
C SER B 347 -3.38 15.53 41.11
N ILE B 348 -4.63 15.21 41.43
CA ILE B 348 -5.59 14.60 40.49
C ILE B 348 -5.36 15.02 39.03
N PHE B 349 -5.45 14.04 38.13
CA PHE B 349 -5.23 14.29 36.71
C PHE B 349 -6.52 14.22 35.90
N SER B 350 -6.57 14.99 34.82
CA SER B 350 -7.70 15.01 33.90
C SER B 350 -7.13 14.99 32.48
N PHE B 351 -7.63 14.08 31.65
CA PHE B 351 -7.06 13.83 30.33
C PHE B 351 -8.03 14.18 29.21
N ARG B 352 -7.56 14.99 28.26
CA ARG B 352 -8.39 15.41 27.13
C ARG B 352 -7.54 15.61 25.88
N THR B 353 -8.20 15.57 24.72
CA THR B 353 -7.59 15.94 23.46
C THR B 353 -8.16 17.27 23.00
N ARG B 354 -7.50 17.92 22.04
CA ARG B 354 -7.91 19.25 21.58
C ARG B 354 -8.48 19.27 20.14
N ASN B 355 -7.76 18.72 19.16
CA ASN B 355 -8.21 18.81 17.75
C ASN B 355 -9.12 17.66 17.32
N ASN B 356 -8.67 16.44 17.61
CA ASN B 356 -9.30 15.24 17.13
C ASN B 356 -9.97 14.48 18.27
N GLN B 357 -11.10 13.86 17.97
CA GLN B 357 -11.86 13.10 18.94
C GLN B 357 -11.28 11.69 19.04
N GLY B 358 -11.45 11.05 20.20
CA GLY B 358 -10.96 9.68 20.40
C GLY B 358 -11.54 9.00 21.62
N ILE B 359 -11.35 7.69 21.69
CA ILE B 359 -11.92 6.88 22.77
C ILE B 359 -11.15 7.12 24.08
N GLY B 360 -9.98 6.53 24.26
CA GLY B 360 -9.23 6.77 25.52
C GLY B 360 -9.29 5.68 26.57
N THR B 361 -8.14 5.11 26.90
CA THR B 361 -8.02 4.11 27.95
C THR B 361 -6.82 4.41 28.86
N LEU B 362 -7.05 4.48 30.18
CA LEU B 362 -5.97 4.74 31.13
C LEU B 362 -5.49 3.43 31.76
N TYR B 363 -4.20 3.15 31.64
CA TYR B 363 -3.59 1.98 32.27
C TYR B 363 -2.54 2.42 33.27
N ARG B 364 -2.39 1.66 34.35
CA ARG B 364 -1.19 1.74 35.15
C ARG B 364 -0.20 0.67 34.65
N LEU B 365 1.03 1.09 34.42
CA LEU B 365 2.08 0.19 33.94
C LEU B 365 2.81 -0.45 35.11
N THR B 366 2.65 -1.76 35.28
CA THR B 366 3.38 -2.52 36.29
C THR B 366 4.82 -2.67 35.84
N GLU B 367 5.74 -2.42 36.75
CA GLU B 367 7.16 -2.25 36.39
C GLU B 367 7.97 -3.54 36.41
N SER B 368 7.86 -4.31 37.51
CA SER B 368 8.73 -5.47 37.73
C SER B 368 8.05 -6.64 38.43
N ILE B 369 7.08 -7.25 37.76
CA ILE B 369 6.55 -8.55 38.19
C ILE B 369 7.51 -9.63 37.66
N ASN B 370 7.39 -9.94 36.36
CA ASN B 370 8.25 -10.85 35.56
C ASN B 370 7.90 -10.37 34.14
N GLY B 371 8.33 -9.16 33.75
CA GLY B 371 7.79 -8.64 32.50
C GLY B 371 6.73 -7.62 32.86
N TYR B 372 6.36 -6.77 31.91
CA TYR B 372 5.44 -5.67 32.17
C TYR B 372 3.97 -6.12 32.11
N ASN B 373 3.12 -5.40 32.84
CA ASN B 373 1.68 -5.67 32.87
C ASN B 373 0.89 -4.37 32.93
N LEU B 374 -0.21 -4.30 32.19
CA LEU B 374 -1.10 -3.15 32.21
C LEU B 374 -2.36 -3.48 33.00
N ILE B 375 -2.71 -2.60 33.94
CA ILE B 375 -3.97 -2.70 34.67
C ILE B 375 -4.87 -1.58 34.19
N THR B 376 -6.04 -1.94 33.65
CA THR B 376 -6.99 -0.96 33.14
C THR B 376 -7.59 -0.20 34.32
N ILE B 377 -7.34 1.11 34.37
CA ILE B 377 -7.88 1.95 35.43
C ILE B 377 -9.26 2.47 35.04
N ASN B 378 -9.36 3.04 33.84
CA ASN B 378 -10.62 3.61 33.37
C ASN B 378 -10.63 3.83 31.87
N ASN B 379 -11.81 3.72 31.27
CA ASN B 379 -12.03 4.07 29.86
C ASN B 379 -12.80 5.39 29.77
N TYR B 380 -12.66 6.07 28.64
CA TYR B 380 -13.39 7.31 28.38
C TYR B 380 -14.01 7.24 26.99
N SER B 381 -15.33 7.47 26.88
CA SER B 381 -15.99 7.38 25.57
C SER B 381 -15.55 8.49 24.62
N ASP B 382 -15.54 9.74 25.11
CA ASP B 382 -15.09 10.88 24.33
C ASP B 382 -13.95 11.58 25.07
N LEU B 383 -12.99 12.10 24.32
CA LEU B 383 -11.79 12.74 24.88
C LEU B 383 -11.77 14.27 24.71
N LEU B 384 -12.39 14.77 23.64
CA LEU B 384 -12.48 16.21 23.40
C LEU B 384 -13.19 16.86 24.59
N ASN B 385 -12.56 17.88 25.17
CA ASN B 385 -12.99 18.51 26.43
C ASN B 385 -13.63 17.56 27.47
N ASN B 386 -12.96 16.43 27.71
CA ASN B 386 -13.32 15.50 28.78
C ASN B 386 -12.72 16.00 30.10
N VAL B 387 -13.52 15.99 31.16
CA VAL B 387 -13.07 16.50 32.45
C VAL B 387 -13.53 15.61 33.61
N GLU B 388 -13.29 14.30 33.46
CA GLU B 388 -13.55 13.34 34.53
C GLU B 388 -12.26 13.14 35.32
N PRO B 389 -12.17 13.75 36.51
CA PRO B 389 -10.91 13.63 37.25
C PRO B 389 -10.57 12.19 37.64
N ILE B 390 -9.29 11.92 37.79
CA ILE B 390 -8.78 10.61 38.19
C ILE B 390 -7.54 10.85 39.06
N SER B 391 -7.39 10.06 40.12
CA SER B 391 -6.28 10.24 41.05
C SER B 391 -5.25 9.14 40.85
N LEU B 392 -4.05 9.53 40.43
CA LEU B 392 -2.96 8.59 40.17
C LEU B 392 -1.94 8.65 41.30
N LEU B 393 -1.36 7.51 41.62
CA LEU B 393 -0.37 7.39 42.69
C LEU B 393 0.96 8.02 42.27
N ASN B 394 1.45 8.97 43.06
CA ASN B 394 2.74 9.62 42.77
C ASN B 394 3.87 8.61 42.69
N GLY B 395 4.73 8.78 41.68
CA GLY B 395 5.83 7.84 41.43
C GLY B 395 5.46 6.67 40.54
N ALA B 396 4.16 6.40 40.40
CA ALA B 396 3.70 5.32 39.52
C ALA B 396 3.72 5.75 38.04
N THR B 397 3.81 4.77 37.16
CA THR B 397 3.85 5.02 35.71
C THR B 397 2.53 4.61 35.07
N TYR B 398 1.93 5.55 34.34
CA TYR B 398 0.65 5.31 33.67
C TYR B 398 0.78 5.51 32.16
N ILE B 399 0.01 4.73 31.41
CA ILE B 399 -0.06 4.87 29.95
C ILE B 399 -1.50 5.17 29.54
N PHE B 400 -1.66 6.22 28.73
CA PHE B 400 -2.96 6.61 28.21
C PHE B 400 -3.00 6.36 26.71
N ARG B 401 -3.94 5.53 26.28
CA ARG B 401 -4.07 5.16 24.86
C ARG B 401 -5.26 5.88 24.24
N VAL B 402 -5.03 6.54 23.11
CA VAL B 402 -6.10 7.23 22.38
C VAL B 402 -6.35 6.54 21.05
N LYS B 403 -7.58 6.05 20.87
CA LYS B 403 -8.03 5.49 19.59
C LYS B 403 -8.84 6.57 18.89
N VAL B 404 -8.33 7.05 17.76
CA VAL B 404 -8.91 8.23 17.09
C VAL B 404 -10.25 7.91 16.45
N THR B 405 -11.21 8.83 16.58
CA THR B 405 -12.57 8.62 16.07
C THR B 405 -13.03 9.68 15.05
N GLU B 406 -12.49 10.88 15.08
CA GLU B 406 -12.70 11.85 14.00
C GLU B 406 -11.43 12.65 13.72
N LEU B 407 -11.07 12.75 12.43
CA LEU B 407 -9.80 13.31 11.99
C LEU B 407 -10.03 14.72 11.43
N ASN B 408 -10.07 15.70 12.31
CA ASN B 408 -10.29 17.09 11.91
C ASN B 408 -9.01 17.81 11.50
N ASN B 409 -7.89 17.43 12.11
CA ASN B 409 -6.62 18.12 11.93
C ASN B 409 -5.47 17.12 11.77
N TYR B 410 -4.40 17.54 11.10
CA TYR B 410 -3.22 16.70 10.92
C TYR B 410 -2.62 16.29 12.26
N ASN B 411 -2.61 17.22 13.21
CA ASN B 411 -2.09 16.96 14.54
C ASN B 411 -3.21 16.70 15.54
N ILE B 412 -3.00 15.72 16.40
CA ILE B 412 -3.82 15.54 17.60
C ILE B 412 -3.06 16.16 18.78
N ILE B 413 -3.78 16.94 19.60
CA ILE B 413 -3.20 17.58 20.77
C ILE B 413 -3.68 16.83 22.01
N PHE B 414 -2.75 16.45 22.89
CA PHE B 414 -3.08 15.77 24.14
C PHE B 414 -2.78 16.66 25.34
N ASP B 415 -3.76 16.80 26.24
CA ASP B 415 -3.59 17.59 27.46
C ASP B 415 -3.72 16.72 28.70
N ALA B 416 -2.62 16.57 29.43
CA ALA B 416 -2.63 15.96 30.76
C ALA B 416 -2.78 17.07 31.78
N TYR B 417 -4.01 17.31 32.23
CA TYR B 417 -4.30 18.36 33.20
C TYR B 417 -3.97 17.86 34.61
N ARG B 418 -3.15 18.63 35.33
CA ARG B 418 -2.79 18.31 36.71
C ARG B 418 -3.57 19.28 37.59
N ASN B 419 -4.61 18.78 38.24
CA ASN B 419 -5.64 19.64 38.84
C ASN B 419 -5.19 20.43 40.06
N SER B 420 -5.21 19.81 41.25
CA SER B 420 -4.99 20.56 42.51
C SER B 420 -3.51 20.79 42.81
#